data_6V8K
#
_entry.id   6V8K
#
_cell.length_a   60.669
_cell.length_b   60.669
_cell.length_c   100.647
_cell.angle_alpha   90.000
_cell.angle_beta   90.000
_cell.angle_gamma   90.000
#
_symmetry.space_group_name_H-M   'P 43'
#
loop_
_entity.id
_entity.type
_entity.pdbx_description
1 polymer 'Histone acetyltransferase p300'
2 non-polymer 'COENZYME A'
3 non-polymer 1-(2-methyl-1H-indol-3-yl)-2-[(2R)-2-methylpiperidin-1-yl]ethan-1-one
4 non-polymer 'DIMETHYL SULFOXIDE'
5 water water
#
_entity_poly.entity_id   1
_entity_poly.type   'polypeptide(L)'
_entity_poly.pdbx_seq_one_letter_code
;GSKFSAKRLPSTRLGTFLENRVNDFLRRQNHPESGEVTVRVVHASDKTVEVKPGMKARFVDSGEMAESFPYRTKALFAFE
EIDGVDLCFFGMHVQEYGSDCPPPNQRRVYISYLDSVHFFRPKCLRTAVYHEILIGYLEYVKKLGYTTGHIWACPPSEGD
DYIFHCHPPDQKIPKPKRLQEWFKKMLDKAVSERIVHDYKDIFKQATEDRLTSAKELPYFEGDFWPNVLEESIKESGGSG
SQKLYATMEKHKEVFFVIRLIAGPAANSLPPIVDPDPLIPCDLMDGRDAFLTLARDKHLEFSSLRRAQWSTMCMLVELHT
QSQ
;
_entity_poly.pdbx_strand_id   A
#
# COMPACT_ATOMS: atom_id res chain seq x y z
N SER A 2 7.83 -15.40 23.11
CA SER A 2 9.25 -14.94 23.30
C SER A 2 9.38 -13.41 23.21
N LYS A 3 10.43 -12.91 23.83
CA LYS A 3 10.58 -11.50 24.19
C LYS A 3 10.47 -10.54 23.00
N PHE A 4 11.10 -10.91 21.90
CA PHE A 4 11.15 -10.07 20.72
C PHE A 4 10.29 -10.63 19.56
N SER A 5 9.21 -11.35 19.88
CA SER A 5 8.36 -11.93 18.84
C SER A 5 7.57 -10.86 18.08
N ALA A 6 7.07 -11.23 16.89
CA ALA A 6 6.18 -10.35 16.12
C ALA A 6 4.91 -10.10 16.92
N LYS A 7 4.36 -11.15 17.52
CA LYS A 7 3.14 -11.03 18.34
C LYS A 7 3.26 -10.03 19.49
N ARG A 8 4.46 -9.89 20.08
CA ARG A 8 4.65 -8.89 21.16
C ARG A 8 4.93 -7.46 20.65
N LEU A 9 5.16 -7.23 19.36
CA LEU A 9 5.11 -5.86 18.84
C LEU A 9 3.76 -5.22 19.23
N PRO A 10 3.76 -3.90 19.49
CA PRO A 10 2.54 -3.26 19.99
C PRO A 10 1.39 -3.32 18.97
N SER A 11 0.18 -3.53 19.46
CA SER A 11 -0.99 -3.66 18.61
C SER A 11 -1.61 -2.34 18.22
N THR A 12 -2.38 -2.37 17.14
CA THR A 12 -3.16 -1.25 16.66
C THR A 12 -4.49 -1.81 16.17
N ARG A 13 -5.51 -0.96 16.09
CA ARG A 13 -6.82 -1.40 15.56
C ARG A 13 -6.66 -1.95 14.13
N LEU A 14 -5.87 -1.26 13.31
CA LEU A 14 -5.67 -1.69 11.91
C LEU A 14 -5.00 -3.08 11.85
N GLY A 15 -3.87 -3.24 12.56
CA GLY A 15 -3.12 -4.51 12.58
C GLY A 15 -4.02 -5.64 13.03
N THR A 16 -4.75 -5.40 14.12
CA THR A 16 -5.67 -6.38 14.68
C THR A 16 -6.78 -6.78 13.67
N PHE A 17 -7.38 -5.79 13.04
CA PHE A 17 -8.43 -6.01 12.05
C PHE A 17 -7.90 -6.92 10.92
N LEU A 18 -6.72 -6.60 10.41
CA LEU A 18 -6.16 -7.35 9.28
C LEU A 18 -5.77 -8.77 9.69
N GLU A 19 -5.11 -8.92 10.82
CA GLU A 19 -4.73 -10.27 11.26
C GLU A 19 -5.95 -11.14 11.61
N ASN A 20 -7.01 -10.57 12.18
CA ASN A 20 -8.21 -11.38 12.43
C ASN A 20 -8.86 -11.87 11.13
N ARG A 21 -8.87 -11.02 10.11
CA ARG A 21 -9.40 -11.40 8.80
C ARG A 21 -8.60 -12.56 8.23
N VAL A 22 -7.28 -12.42 8.22
CA VAL A 22 -6.42 -13.46 7.61
C VAL A 22 -6.55 -14.79 8.41
N ASN A 23 -6.46 -14.74 9.73
CA ASN A 23 -6.53 -15.97 10.52
C ASN A 23 -7.91 -16.69 10.42
N ASP A 24 -9.00 -15.92 10.37
CA ASP A 24 -10.34 -16.48 10.13
C ASP A 24 -10.37 -17.14 8.76
N PHE A 25 -9.84 -16.49 7.73
CA PHE A 25 -9.70 -17.13 6.41
C PHE A 25 -8.96 -18.46 6.47
N LEU A 26 -7.80 -18.45 7.12
CA LEU A 26 -6.96 -19.65 7.17
C LEU A 26 -7.67 -20.76 7.96
N ARG A 27 -8.35 -20.39 9.04
CA ARG A 27 -9.12 -21.38 9.83
C ARG A 27 -10.20 -22.06 8.96
N ARG A 28 -10.85 -21.31 8.11
CA ARG A 28 -11.87 -21.88 7.22
C ARG A 28 -11.25 -22.80 6.19
N GLN A 29 -10.02 -22.52 5.74
CA GLN A 29 -9.39 -23.42 4.77
C GLN A 29 -8.93 -24.72 5.43
N ASN A 30 -8.65 -24.70 6.74
CA ASN A 30 -8.32 -25.90 7.53
C ASN A 30 -7.15 -26.69 6.91
N HIS A 31 -6.11 -25.97 6.46
CA HIS A 31 -4.99 -26.64 5.83
C HIS A 31 -4.01 -26.96 6.95
N PRO A 32 -3.56 -28.23 7.05
CA PRO A 32 -2.69 -28.55 8.20
C PRO A 32 -1.33 -27.80 8.23
N GLU A 33 -0.84 -27.29 7.10
CA GLU A 33 0.47 -26.61 7.05
C GLU A 33 0.45 -25.12 7.42
N SER A 34 -0.74 -24.50 7.48
CA SER A 34 -0.81 -23.08 7.73
C SER A 34 -0.43 -22.77 9.20
N GLY A 35 0.25 -21.65 9.41
CA GLY A 35 0.60 -21.21 10.76
C GLY A 35 -0.11 -19.91 11.06
N GLU A 36 -0.08 -19.51 12.31
CA GLU A 36 -0.70 -18.25 12.72
C GLU A 36 -0.05 -17.05 12.03
N VAL A 37 -0.88 -16.11 11.56
CA VAL A 37 -0.41 -14.87 10.98
C VAL A 37 -0.55 -13.69 11.95
N THR A 38 0.50 -12.86 11.99
CA THR A 38 0.51 -11.64 12.79
C THR A 38 0.63 -10.47 11.85
N VAL A 39 -0.19 -9.43 12.06
CA VAL A 39 -0.06 -8.21 11.24
C VAL A 39 0.15 -7.03 12.18
N ARG A 40 1.17 -6.24 11.92
CA ARG A 40 1.56 -5.11 12.78
C ARG A 40 1.85 -3.87 11.95
N VAL A 41 1.24 -2.76 12.33
CA VAL A 41 1.59 -1.44 11.82
C VAL A 41 2.80 -1.01 12.63
N VAL A 42 3.90 -0.71 11.96
CA VAL A 42 5.18 -0.46 12.64
C VAL A 42 5.67 0.97 12.46
N HIS A 43 5.00 1.74 11.60
CA HIS A 43 5.30 3.14 11.44
C HIS A 43 4.03 3.89 11.03
N ALA A 44 3.74 5.00 11.68
CA ALA A 44 2.75 5.97 11.15
C ALA A 44 3.20 7.38 11.48
N SER A 45 3.26 8.24 10.46
CA SER A 45 3.68 9.65 10.61
C SER A 45 2.98 10.60 9.61
N ASP A 46 2.85 11.87 10.02
CA ASP A 46 2.26 12.93 9.16
C ASP A 46 3.28 13.47 8.17
N LYS A 47 2.85 13.67 6.94
CA LYS A 47 3.69 14.20 5.87
C LYS A 47 2.88 15.12 4.96
N THR A 48 3.54 15.76 4.01
CA THR A 48 2.86 16.48 2.97
C THR A 48 3.59 16.24 1.65
N VAL A 49 2.81 16.26 0.56
CA VAL A 49 3.34 16.22 -0.80
C VAL A 49 3.22 17.65 -1.32
N GLU A 50 4.34 18.24 -1.76
CA GLU A 50 4.37 19.61 -2.29
C GLU A 50 4.16 19.60 -3.82
N VAL A 51 3.31 20.49 -4.32
CA VAL A 51 3.05 20.59 -5.74
C VAL A 51 4.31 21.12 -6.44
N LYS A 52 4.72 20.44 -7.51
CA LYS A 52 6.00 20.71 -8.16
C LYS A 52 5.93 21.99 -9.02
N PRO A 53 7.08 22.64 -9.30
CA PRO A 53 7.14 24.03 -9.84
C PRO A 53 6.19 24.39 -11.01
N GLY A 54 6.15 23.55 -12.05
CA GLY A 54 5.25 23.76 -13.19
C GLY A 54 3.77 23.86 -12.83
N MET A 55 3.27 22.87 -12.09
CA MET A 55 1.91 22.93 -11.56
C MET A 55 1.76 24.09 -10.58
N LYS A 56 2.78 24.29 -9.74
CA LYS A 56 2.79 25.41 -8.79
C LYS A 56 2.68 26.76 -9.48
N ALA A 57 3.32 26.89 -10.64
CA ALA A 57 3.25 28.10 -11.47
C ALA A 57 1.86 28.25 -12.07
N ARG A 58 1.39 27.21 -12.76
CA ARG A 58 0.10 27.25 -13.44
C ARG A 58 -1.08 27.38 -12.47
N PHE A 59 -1.20 26.47 -11.50
CA PHE A 59 -2.44 26.32 -10.70
C PHE A 59 -2.39 26.78 -9.24
N VAL A 60 -1.21 26.78 -8.62
CA VAL A 60 -1.12 27.14 -7.19
C VAL A 60 -1.06 28.65 -7.04
N ASP A 61 -0.09 29.25 -7.75
CA ASP A 61 0.06 30.72 -7.78
C ASP A 61 -1.24 31.42 -8.17
N SER A 62 -2.02 30.82 -9.09
CA SER A 62 -3.33 31.35 -9.48
C SER A 62 -4.49 31.07 -8.50
N GLY A 63 -4.20 30.59 -7.28
CA GLY A 63 -5.23 30.20 -6.30
C GLY A 63 -6.24 29.16 -6.78
N GLU A 64 -5.86 28.35 -7.78
CA GLU A 64 -6.72 27.31 -8.36
C GLU A 64 -6.47 25.91 -7.76
N MET A 65 -5.46 25.79 -6.90
CA MET A 65 -5.00 24.49 -6.37
C MET A 65 -4.13 24.74 -5.14
N ALA A 66 -4.29 23.93 -4.10
CA ALA A 66 -3.44 24.03 -2.90
C ALA A 66 -1.97 23.76 -3.20
N GLU A 67 -1.09 24.38 -2.42
CA GLU A 67 0.36 24.27 -2.61
C GLU A 67 0.93 22.93 -2.16
N SER A 68 0.29 22.32 -1.16
CA SER A 68 0.69 21.00 -0.69
C SER A 68 -0.54 20.27 -0.15
N PHE A 69 -0.40 18.96 0.03
CA PHE A 69 -1.50 18.11 0.49
C PHE A 69 -1.01 17.25 1.62
N PRO A 70 -1.68 17.31 2.78
CA PRO A 70 -1.20 16.51 3.91
C PRO A 70 -1.74 15.08 3.85
N TYR A 71 -0.92 14.14 4.34
CA TYR A 71 -1.30 12.74 4.42
C TYR A 71 -0.57 12.05 5.56
N ARG A 72 -1.11 10.89 5.93
CA ARG A 72 -0.47 10.03 6.90
C ARG A 72 0.13 8.83 6.15
N THR A 73 1.38 8.54 6.44
CA THR A 73 2.05 7.37 5.91
C THR A 73 1.97 6.26 6.94
N LYS A 74 1.70 5.03 6.49
CA LYS A 74 1.75 3.85 7.37
C LYS A 74 2.56 2.74 6.70
N ALA A 75 3.34 2.03 7.53
CA ALA A 75 4.07 0.84 7.10
C ALA A 75 3.54 -0.36 7.87
N LEU A 76 3.15 -1.43 7.20
CA LEU A 76 2.68 -2.60 7.93
C LEU A 76 3.29 -3.85 7.35
N PHE A 77 3.49 -4.82 8.23
CA PHE A 77 4.10 -6.08 7.90
C PHE A 77 3.26 -7.23 8.38
N ALA A 78 3.30 -8.31 7.58
CA ALA A 78 2.64 -9.55 7.94
C ALA A 78 3.69 -10.62 8.24
N PHE A 79 3.46 -11.40 9.28
CA PHE A 79 4.39 -12.47 9.70
C PHE A 79 3.61 -13.78 9.81
N GLU A 80 4.26 -14.90 9.48
CA GLU A 80 3.67 -16.23 9.66
C GLU A 80 4.60 -17.05 10.55
N GLU A 81 4.01 -17.69 11.56
CA GLU A 81 4.68 -18.73 12.38
CA GLU A 81 4.73 -18.68 12.36
C GLU A 81 4.82 -20.01 11.56
N ILE A 82 6.05 -20.46 11.33
CA ILE A 82 6.33 -21.71 10.61
C ILE A 82 7.23 -22.53 11.57
N ASP A 83 6.68 -23.57 12.21
CA ASP A 83 7.47 -24.47 13.09
C ASP A 83 8.05 -23.72 14.31
N GLY A 84 7.24 -22.83 14.86
CA GLY A 84 7.62 -22.01 16.00
C GLY A 84 8.57 -20.85 15.73
N VAL A 85 8.82 -20.53 14.46
CA VAL A 85 9.70 -19.44 14.07
C VAL A 85 8.93 -18.40 13.23
N ASP A 86 9.09 -17.12 13.57
CA ASP A 86 8.49 -16.00 12.79
C ASP A 86 9.15 -15.85 11.43
N LEU A 87 8.33 -15.66 10.38
CA LEU A 87 8.81 -15.25 9.09
C LEU A 87 8.04 -14.00 8.68
N CYS A 88 8.77 -12.89 8.43
CA CYS A 88 8.17 -11.71 7.80
C CYS A 88 8.05 -11.95 6.30
N PHE A 89 6.83 -11.96 5.75
CA PHE A 89 6.64 -12.37 4.33
C PHE A 89 5.96 -11.35 3.42
N PHE A 90 5.41 -10.28 4.00
CA PHE A 90 4.71 -9.29 3.24
C PHE A 90 4.87 -7.93 3.93
N GLY A 91 5.07 -6.91 3.12
CA GLY A 91 5.13 -5.56 3.62
C GLY A 91 4.43 -4.59 2.70
N MET A 92 3.87 -3.53 3.30
CA MET A 92 3.20 -2.48 2.55
C MET A 92 3.36 -1.08 3.19
N HIS A 93 3.55 -0.08 2.33
CA HIS A 93 3.60 1.33 2.68
C HIS A 93 2.44 2.03 1.96
N VAL A 94 1.61 2.74 2.72
CA VAL A 94 0.43 3.44 2.20
C VAL A 94 0.46 4.95 2.55
N GLN A 95 -0.23 5.75 1.73
CA GLN A 95 -0.48 7.17 1.95
C GLN A 95 -1.97 7.36 2.11
N GLU A 96 -2.39 8.04 3.19
CA GLU A 96 -3.80 8.17 3.54
C GLU A 96 -4.12 9.65 3.68
N TYR A 97 -4.95 10.15 2.77
CA TYR A 97 -5.34 11.57 2.70
C TYR A 97 -6.74 11.70 3.26
N GLY A 98 -6.86 12.36 4.41
CA GLY A 98 -8.10 12.39 5.18
C GLY A 98 -9.14 13.40 4.71
N SER A 99 -10.18 13.57 5.51
CA SER A 99 -11.29 14.46 5.16
C SER A 99 -10.97 15.96 5.27
N ASP A 100 -9.90 16.33 5.97
CA ASP A 100 -9.45 17.73 6.07
C ASP A 100 -8.55 18.16 4.91
N CYS A 101 -8.12 17.19 4.12
CA CYS A 101 -7.22 17.43 3.02
C CYS A 101 -7.92 18.22 1.91
N PRO A 102 -7.26 19.22 1.32
CA PRO A 102 -7.93 19.91 0.19
C PRO A 102 -8.21 18.98 -1.00
N PRO A 103 -9.31 19.21 -1.75
CA PRO A 103 -9.42 18.50 -3.02
C PRO A 103 -8.23 18.79 -3.95
N PRO A 104 -7.96 17.95 -4.94
CA PRO A 104 -8.76 16.77 -5.24
C PRO A 104 -8.32 15.49 -4.46
N ASN A 105 -7.48 15.63 -3.43
CA ASN A 105 -6.90 14.48 -2.71
C ASN A 105 -7.72 13.95 -1.54
N GLN A 106 -8.88 14.55 -1.27
CA GLN A 106 -9.62 14.31 -0.02
C GLN A 106 -10.17 12.86 0.07
N ARG A 107 -9.99 12.20 1.21
CA ARG A 107 -10.56 10.87 1.50
C ARG A 107 -10.10 9.77 0.53
N ARG A 108 -8.81 9.77 0.20
CA ARG A 108 -8.20 8.81 -0.69
C ARG A 108 -7.04 8.05 -0.01
N VAL A 109 -6.83 6.79 -0.43
CA VAL A 109 -5.63 6.02 -0.07
C VAL A 109 -4.90 5.63 -1.34
N TYR A 110 -3.58 5.54 -1.22
CA TYR A 110 -2.68 5.22 -2.32
C TYR A 110 -1.65 4.25 -1.79
N ILE A 111 -1.32 3.21 -2.55
CA ILE A 111 -0.29 2.23 -2.11
C ILE A 111 1.05 2.70 -2.66
N SER A 112 1.96 3.08 -1.77
CA SER A 112 3.30 3.52 -2.18
C SER A 112 4.14 2.33 -2.64
N TYR A 113 4.22 1.31 -1.80
CA TYR A 113 4.99 0.09 -2.12
C TYR A 113 4.32 -1.11 -1.49
N LEU A 114 4.39 -2.25 -2.17
CA LEU A 114 4.13 -3.53 -1.53
C LEU A 114 5.17 -4.54 -2.02
N ASP A 115 5.55 -5.46 -1.15
CA ASP A 115 6.57 -6.44 -1.48
C ASP A 115 6.32 -7.70 -0.65
N SER A 116 6.89 -8.79 -1.16
CA SER A 116 6.78 -10.09 -0.52
C SER A 116 8.02 -10.94 -0.71
N VAL A 117 8.17 -11.95 0.13
CA VAL A 117 9.08 -13.02 -0.17
C VAL A 117 8.33 -14.34 -0.09
N HIS A 118 8.50 -15.17 -1.11
CA HIS A 118 7.54 -16.23 -1.43
C HIS A 118 7.54 -17.52 -0.53
N PHE A 119 7.81 -17.40 0.76
CA PHE A 119 7.92 -18.56 1.65
C PHE A 119 6.66 -18.90 2.47
N PHE A 120 5.56 -18.19 2.25
CA PHE A 120 4.32 -18.54 2.95
C PHE A 120 3.99 -20.02 2.81
N ARG A 121 3.63 -20.63 3.92
CA ARG A 121 3.28 -22.07 4.02
C ARG A 121 1.79 -22.20 4.32
N PRO A 122 0.98 -22.94 3.56
CA PRO A 122 1.33 -23.65 2.35
C PRO A 122 1.36 -22.73 1.15
N LYS A 123 2.11 -23.12 0.12
CA LYS A 123 2.21 -22.23 -1.05
C LYS A 123 0.91 -22.03 -1.82
N CYS A 124 0.00 -23.02 -1.77
CA CYS A 124 -1.28 -22.92 -2.44
C CYS A 124 -2.21 -21.85 -1.78
N LEU A 125 -1.87 -21.32 -0.59
CA LEU A 125 -2.63 -20.24 0.03
C LEU A 125 -1.94 -18.85 -0.03
N ARG A 126 -0.70 -18.77 -0.56
CA ARG A 126 0.09 -17.54 -0.49
C ARG A 126 -0.66 -16.35 -1.15
N THR A 127 -1.00 -16.48 -2.43
CA THR A 127 -1.71 -15.42 -3.17
C THR A 127 -3.02 -15.06 -2.48
N ALA A 128 -3.75 -16.06 -2.04
CA ALA A 128 -5.04 -15.81 -1.37
C ALA A 128 -4.86 -14.95 -0.08
N VAL A 129 -3.78 -15.22 0.65
CA VAL A 129 -3.47 -14.47 1.86
C VAL A 129 -3.08 -13.07 1.49
N TYR A 130 -2.26 -12.85 0.46
CA TYR A 130 -1.95 -11.47 0.08
C TYR A 130 -3.25 -10.70 -0.27
N HIS A 131 -4.14 -11.34 -1.01
CA HIS A 131 -5.41 -10.72 -1.35
C HIS A 131 -6.25 -10.42 -0.12
N GLU A 132 -6.27 -11.33 0.88
CA GLU A 132 -7.01 -11.08 2.11
C GLU A 132 -6.51 -9.86 2.89
N ILE A 133 -5.19 -9.64 2.92
CA ILE A 133 -4.62 -8.46 3.58
C ILE A 133 -5.09 -7.20 2.82
N LEU A 134 -4.98 -7.20 1.49
CA LEU A 134 -5.30 -6.00 0.72
C LEU A 134 -6.80 -5.69 0.79
N ILE A 135 -7.62 -6.73 0.69
CA ILE A 135 -9.08 -6.55 0.74
C ILE A 135 -9.48 -6.05 2.12
N GLY A 136 -8.83 -6.61 3.16
CA GLY A 136 -9.05 -6.15 4.52
C GLY A 136 -8.64 -4.69 4.72
N TYR A 137 -7.55 -4.27 4.09
CA TYR A 137 -7.15 -2.88 4.17
C TYR A 137 -8.21 -1.98 3.56
N LEU A 138 -8.74 -2.36 2.41
CA LEU A 138 -9.80 -1.57 1.77
C LEU A 138 -11.07 -1.57 2.57
N GLU A 139 -11.41 -2.72 3.17
CA GLU A 139 -12.55 -2.88 4.05
C GLU A 139 -12.49 -1.92 5.25
N TYR A 140 -11.29 -1.81 5.83
CA TYR A 140 -11.04 -0.98 7.00
C TYR A 140 -11.12 0.51 6.70
N VAL A 141 -10.41 0.94 5.67
CA VAL A 141 -10.43 2.35 5.31
C VAL A 141 -11.84 2.77 4.83
N LYS A 142 -12.54 1.88 4.11
CA LYS A 142 -13.95 2.15 3.76
C LYS A 142 -14.79 2.39 5.04
N LYS A 143 -14.65 1.53 6.05
CA LYS A 143 -15.31 1.72 7.34
C LYS A 143 -15.01 3.08 7.98
N LEU A 144 -13.76 3.53 7.90
CA LEU A 144 -13.39 4.85 8.45
C LEU A 144 -13.96 6.06 7.66
N GLY A 145 -14.26 5.87 6.38
CA GLY A 145 -14.84 6.94 5.55
C GLY A 145 -13.99 7.40 4.41
N TYR A 146 -12.95 6.63 4.05
CA TYR A 146 -12.23 6.91 2.81
C TYR A 146 -13.10 6.38 1.66
N THR A 147 -13.15 7.15 0.56
CA THR A 147 -14.09 6.86 -0.52
C THR A 147 -13.45 6.21 -1.72
N THR A 148 -12.15 6.44 -1.92
CA THR A 148 -11.46 5.99 -3.09
C THR A 148 -10.06 5.48 -2.75
N GLY A 149 -9.69 4.38 -3.41
CA GLY A 149 -8.34 3.83 -3.35
C GLY A 149 -7.64 3.96 -4.69
N HIS A 150 -6.32 4.07 -4.65
CA HIS A 150 -5.54 4.25 -5.87
C HIS A 150 -4.36 3.31 -5.87
N ILE A 151 -4.12 2.66 -7.01
CA ILE A 151 -3.05 1.71 -7.15
C ILE A 151 -2.38 1.91 -8.49
N TRP A 152 -1.06 2.10 -8.44
CA TRP A 152 -0.21 2.06 -9.59
C TRP A 152 0.49 0.69 -9.60
N ALA A 153 0.18 -0.11 -10.62
CA ALA A 153 0.73 -1.48 -10.79
C ALA A 153 2.06 -1.37 -11.48
N CYS A 154 3.07 -1.04 -10.68
CA CYS A 154 4.41 -0.85 -11.16
C CYS A 154 5.33 -1.89 -10.51
N PRO A 155 5.73 -2.94 -11.26
CA PRO A 155 6.72 -3.88 -10.72
C PRO A 155 8.10 -3.24 -10.54
N PRO A 156 8.92 -3.76 -9.63
CA PRO A 156 10.26 -3.17 -9.45
C PRO A 156 11.13 -3.51 -10.63
N SER A 157 12.07 -2.61 -10.96
CA SER A 157 13.15 -2.87 -11.94
C SER A 157 14.06 -4.02 -11.52
N GLU A 158 14.68 -4.67 -12.50
CA GLU A 158 15.60 -5.82 -12.26
C GLU A 158 16.74 -5.35 -11.35
N GLY A 159 17.09 -6.15 -10.35
CA GLY A 159 18.07 -5.73 -9.32
C GLY A 159 17.56 -4.84 -8.19
N ASP A 160 16.34 -4.32 -8.33
CA ASP A 160 15.76 -3.40 -7.36
C ASP A 160 14.77 -4.16 -6.47
N ASP A 161 14.90 -3.97 -5.17
CA ASP A 161 14.02 -4.57 -4.17
C ASP A 161 13.19 -3.44 -3.56
N TYR A 162 11.87 -3.56 -3.49
CA TYR A 162 11.04 -2.52 -2.85
C TYR A 162 11.19 -2.41 -1.35
N ILE A 163 11.02 -3.51 -0.64
CA ILE A 163 11.06 -3.49 0.80
C ILE A 163 12.09 -4.47 1.37
N PHE A 164 12.14 -5.69 0.84
CA PHE A 164 12.98 -6.76 1.40
C PHE A 164 14.30 -6.87 0.62
N HIS A 165 15.41 -6.76 1.34
CA HIS A 165 16.74 -6.88 0.71
C HIS A 165 17.06 -8.32 0.30
N CYS A 166 17.36 -8.51 -0.98
CA CYS A 166 17.87 -9.74 -1.51
C CYS A 166 16.79 -10.83 -1.49
N HIS A 167 15.90 -10.74 -2.48
CA HIS A 167 14.84 -11.72 -2.72
C HIS A 167 15.45 -13.06 -3.11
N PRO A 168 14.65 -14.14 -2.99
CA PRO A 168 15.09 -15.42 -3.51
C PRO A 168 15.46 -15.34 -5.00
N PRO A 169 16.56 -16.00 -5.41
CA PRO A 169 16.94 -15.95 -6.83
C PRO A 169 15.88 -16.48 -7.78
N ASP A 170 15.05 -17.40 -7.31
CA ASP A 170 13.99 -17.98 -8.15
C ASP A 170 12.58 -17.45 -7.88
N GLN A 171 12.43 -16.39 -7.08
CA GLN A 171 11.14 -15.71 -6.99
C GLN A 171 11.01 -14.81 -8.22
N LYS A 172 10.14 -15.21 -9.14
CA LYS A 172 9.93 -14.41 -10.35
C LYS A 172 9.23 -13.10 -9.99
N ILE A 173 9.58 -12.05 -10.73
CA ILE A 173 8.98 -10.73 -10.57
C ILE A 173 7.94 -10.59 -11.69
N PRO A 174 6.67 -10.36 -11.34
CA PRO A 174 5.65 -10.30 -12.40
C PRO A 174 5.86 -9.10 -13.36
N LYS A 175 5.51 -9.29 -14.61
CA LYS A 175 5.52 -8.19 -15.57
C LYS A 175 4.22 -7.38 -15.36
N PRO A 176 4.19 -6.13 -15.89
CA PRO A 176 3.00 -5.27 -15.69
C PRO A 176 1.69 -5.98 -15.95
N LYS A 177 1.60 -6.77 -17.01
CA LYS A 177 0.33 -7.41 -17.37
C LYS A 177 -0.13 -8.44 -16.31
N ARG A 178 0.81 -9.23 -15.80
CA ARG A 178 0.48 -10.22 -14.77
C ARG A 178 0.07 -9.49 -13.49
N LEU A 179 0.76 -8.40 -13.18
CA LEU A 179 0.50 -7.67 -11.95
C LEU A 179 -0.88 -6.97 -12.00
N GLN A 180 -1.25 -6.46 -13.17
CA GLN A 180 -2.57 -5.83 -13.39
C GLN A 180 -3.67 -6.82 -13.14
N GLU A 181 -3.54 -8.01 -13.73
CA GLU A 181 -4.51 -9.12 -13.55
C GLU A 181 -4.59 -9.58 -12.09
N TRP A 182 -3.46 -9.54 -11.38
CA TRP A 182 -3.39 -9.92 -9.97
C TRP A 182 -4.19 -8.93 -9.13
N PHE A 183 -3.98 -7.64 -9.34
CA PHE A 183 -4.79 -6.61 -8.65
C PHE A 183 -6.28 -6.71 -9.02
N LYS A 184 -6.60 -7.01 -10.27
CA LYS A 184 -8.02 -7.23 -10.69
C LYS A 184 -8.70 -8.40 -10.01
N LYS A 185 -7.99 -9.51 -9.88
CA LYS A 185 -8.50 -10.68 -9.18
C LYS A 185 -8.80 -10.33 -7.73
N MET A 186 -7.87 -9.62 -7.10
CA MET A 186 -8.07 -9.08 -5.75
C MET A 186 -9.34 -8.20 -5.68
N LEU A 187 -9.41 -7.23 -6.58
CA LEU A 187 -10.52 -6.27 -6.62
C LEU A 187 -11.88 -6.89 -6.94
N ASP A 188 -11.91 -7.91 -7.81
CA ASP A 188 -13.16 -8.68 -8.06
C ASP A 188 -13.68 -9.40 -6.84
N LYS A 189 -12.78 -9.94 -6.02
CA LYS A 189 -13.18 -10.56 -4.76
C LYS A 189 -13.77 -9.47 -3.84
N ALA A 190 -13.10 -8.31 -3.77
CA ALA A 190 -13.61 -7.19 -2.98
C ALA A 190 -14.97 -6.73 -3.46
N VAL A 191 -15.15 -6.68 -4.77
CA VAL A 191 -16.44 -6.32 -5.36
C VAL A 191 -17.53 -7.32 -4.93
N SER A 192 -17.27 -8.61 -5.01
CA SER A 192 -18.29 -9.60 -4.63
C SER A 192 -18.66 -9.54 -3.14
N GLU A 193 -17.73 -9.08 -2.30
CA GLU A 193 -17.96 -8.89 -0.87
C GLU A 193 -18.61 -7.55 -0.54
N ARG A 194 -18.80 -6.73 -1.59
CA ARG A 194 -19.44 -5.44 -1.55
C ARG A 194 -18.60 -4.43 -0.80
N ILE A 195 -17.29 -4.63 -0.82
CA ILE A 195 -16.32 -3.70 -0.22
C ILE A 195 -15.99 -2.62 -1.25
N VAL A 196 -15.68 -3.06 -2.47
CA VAL A 196 -15.45 -2.18 -3.58
C VAL A 196 -16.76 -2.06 -4.36
N HIS A 197 -17.16 -0.84 -4.60
CA HIS A 197 -18.35 -0.56 -5.42
C HIS A 197 -18.04 -0.90 -6.88
N ASP A 198 -16.99 -0.31 -7.41
CA ASP A 198 -16.48 -0.67 -8.72
C ASP A 198 -15.04 -0.18 -8.82
N TYR A 199 -14.36 -0.51 -9.91
CA TYR A 199 -13.04 0.05 -10.17
C TYR A 199 -12.91 0.32 -11.65
N LYS A 200 -12.07 1.29 -12.00
CA LYS A 200 -11.85 1.68 -13.39
C LYS A 200 -10.39 2.03 -13.58
N ASP A 201 -9.94 1.98 -14.83
CA ASP A 201 -8.66 2.60 -15.15
C ASP A 201 -8.78 4.13 -15.09
N ILE A 202 -7.65 4.79 -14.97
CA ILE A 202 -7.61 6.22 -14.79
C ILE A 202 -8.20 7.04 -15.95
N PHE A 203 -7.98 6.58 -17.17
CA PHE A 203 -8.48 7.27 -18.36
C PHE A 203 -10.01 7.19 -18.41
N LYS A 204 -10.56 6.01 -18.18
CA LYS A 204 -12.01 5.81 -18.15
C LYS A 204 -12.67 6.62 -17.02
N GLN A 205 -12.04 6.66 -15.85
CA GLN A 205 -12.58 7.44 -14.71
C GLN A 205 -12.57 8.92 -15.04
N ALA A 206 -11.42 9.40 -15.50
CA ALA A 206 -11.26 10.78 -15.91
C ALA A 206 -12.24 11.17 -17.03
N THR A 207 -12.45 10.26 -18.00
CA THR A 207 -13.41 10.47 -19.08
C THR A 207 -14.83 10.51 -18.55
N GLU A 208 -15.24 9.47 -17.82
CA GLU A 208 -16.60 9.44 -17.28
C GLU A 208 -16.92 10.55 -16.28
N ASP A 209 -15.94 11.06 -15.56
CA ASP A 209 -16.11 12.21 -14.65
C ASP A 209 -15.99 13.57 -15.34
N ARG A 210 -15.80 13.55 -16.65
CA ARG A 210 -15.69 14.75 -17.48
C ARG A 210 -14.79 15.78 -16.83
N LEU A 211 -13.55 15.36 -16.58
CA LEU A 211 -12.57 16.21 -15.96
C LEU A 211 -12.00 17.17 -16.99
N THR A 212 -12.07 18.45 -16.67
CA THR A 212 -11.54 19.53 -17.49
C THR A 212 -10.01 19.62 -17.45
N SER A 213 -9.48 19.65 -16.24
CA SER A 213 -8.16 20.21 -15.97
C SER A 213 -7.28 19.26 -15.16
N ALA A 214 -5.97 19.41 -15.32
CA ALA A 214 -4.97 18.67 -14.56
C ALA A 214 -5.09 18.85 -13.05
N LYS A 215 -5.61 20.00 -12.63
CA LYS A 215 -5.81 20.28 -11.19
C LYS A 215 -6.84 19.36 -10.52
N GLU A 216 -7.72 18.74 -11.31
CA GLU A 216 -8.72 17.81 -10.80
C GLU A 216 -8.17 16.40 -10.48
N LEU A 217 -6.97 16.06 -10.95
CA LEU A 217 -6.40 14.72 -10.72
C LEU A 217 -5.74 14.64 -9.36
N PRO A 218 -6.04 13.58 -8.57
CA PRO A 218 -5.35 13.40 -7.28
C PRO A 218 -3.84 13.46 -7.46
N TYR A 219 -3.15 14.10 -6.53
CA TYR A 219 -1.73 14.39 -6.61
C TYR A 219 -1.02 13.71 -5.45
N PHE A 220 -0.37 12.58 -5.73
CA PHE A 220 0.26 11.75 -4.69
C PHE A 220 1.80 11.80 -4.72
N GLU A 221 2.40 11.59 -3.56
CA GLU A 221 3.84 11.50 -3.45
C GLU A 221 4.40 10.29 -4.16
N GLY A 222 5.36 10.54 -5.04
CA GLY A 222 6.08 9.49 -5.73
C GLY A 222 5.35 8.87 -6.90
N ASP A 223 4.17 9.38 -7.24
CA ASP A 223 3.35 8.82 -8.32
C ASP A 223 3.87 9.27 -9.70
N PHE A 224 3.42 8.55 -10.72
CA PHE A 224 3.73 8.84 -12.11
C PHE A 224 3.27 10.23 -12.58
N TRP A 225 2.02 10.58 -12.25
CA TRP A 225 1.33 11.68 -12.92
C TRP A 225 1.88 13.07 -12.63
N PRO A 226 2.28 13.35 -11.36
CA PRO A 226 3.09 14.56 -11.08
C PRO A 226 4.29 14.82 -12.01
N ASN A 227 5.06 13.78 -12.34
CA ASN A 227 6.25 13.90 -13.21
C ASN A 227 5.88 14.09 -14.67
N VAL A 228 4.83 13.42 -15.11
CA VAL A 228 4.30 13.59 -16.47
C VAL A 228 3.71 14.99 -16.68
N LEU A 229 3.12 15.56 -15.64
CA LEU A 229 2.59 16.92 -15.69
C LEU A 229 3.71 17.97 -15.81
N GLU A 230 4.78 17.81 -15.03
CA GLU A 230 5.97 18.67 -15.13
C GLU A 230 6.59 18.62 -16.52
N GLU A 231 6.77 17.40 -17.04
CA GLU A 231 7.20 17.19 -18.43
C GLU A 231 6.27 17.88 -19.44
N SER A 232 4.96 17.73 -19.27
CA SER A 232 3.97 18.35 -20.17
C SER A 232 4.02 19.87 -20.15
N ILE A 233 4.29 20.43 -18.96
CA ILE A 233 4.38 21.89 -18.77
C ILE A 233 5.68 22.44 -19.37
N LYS A 234 6.82 21.75 -19.14
CA LYS A 234 8.11 22.14 -19.73
C LYS A 234 8.04 22.25 -21.26
N GLU A 235 7.48 21.24 -21.92
CA GLU A 235 7.38 21.19 -23.39
C GLU A 235 6.06 21.74 -23.94
N GLN A 242 -3.10 18.25 -24.31
CA GLN A 242 -3.55 17.33 -25.37
C GLN A 242 -2.67 16.07 -25.48
N LYS A 243 -1.37 16.23 -25.21
CA LYS A 243 -0.43 15.09 -25.14
C LYS A 243 -0.62 14.28 -23.85
N LEU A 244 -0.77 14.98 -22.72
CA LEU A 244 -1.15 14.38 -21.42
C LEU A 244 -2.30 13.36 -21.57
N TYR A 245 -3.38 13.77 -22.25
CA TYR A 245 -4.53 12.90 -22.56
C TYR A 245 -4.11 11.62 -23.30
N ALA A 246 -3.14 11.74 -24.22
CA ALA A 246 -2.56 10.57 -24.90
C ALA A 246 -1.73 9.67 -23.97
N THR A 247 -1.01 10.26 -23.03
CA THR A 247 -0.26 9.47 -22.03
C THR A 247 -1.20 8.67 -21.14
N MET A 248 -2.25 9.34 -20.63
CA MET A 248 -3.29 8.68 -19.83
C MET A 248 -3.87 7.43 -20.50
N GLU A 249 -4.23 7.54 -21.79
CA GLU A 249 -4.80 6.39 -22.49
C GLU A 249 -3.80 5.24 -22.71
N LYS A 250 -2.58 5.59 -23.11
CA LYS A 250 -1.55 4.59 -23.43
C LYS A 250 -1.20 3.76 -22.20
N HIS A 251 -1.06 4.44 -21.06
CA HIS A 251 -0.67 3.80 -19.80
C HIS A 251 -1.86 3.53 -18.83
N LYS A 252 -3.09 3.52 -19.35
CA LYS A 252 -4.27 3.47 -18.51
C LYS A 252 -4.38 2.21 -17.64
N GLU A 253 -3.95 1.07 -18.17
CA GLU A 253 -4.29 -0.23 -17.63
C GLU A 253 -3.56 -0.49 -16.31
N VAL A 254 -2.53 0.31 -16.04
CA VAL A 254 -1.65 0.16 -14.90
C VAL A 254 -2.08 1.02 -13.68
N PHE A 255 -3.06 1.91 -13.86
CA PHE A 255 -3.56 2.78 -12.78
C PHE A 255 -5.02 2.45 -12.49
N PHE A 256 -5.30 2.01 -11.26
CA PHE A 256 -6.64 1.64 -10.83
C PHE A 256 -7.21 2.76 -9.97
N VAL A 257 -8.45 3.12 -10.22
CA VAL A 257 -9.21 3.99 -9.34
C VAL A 257 -10.34 3.15 -8.77
N ILE A 258 -10.31 2.96 -7.46
CA ILE A 258 -11.13 1.99 -6.76
C ILE A 258 -12.13 2.75 -5.92
N ARG A 259 -13.42 2.65 -6.26
CA ARG A 259 -14.47 3.36 -5.50
C ARG A 259 -14.96 2.48 -4.38
N LEU A 260 -14.73 2.92 -3.16
CA LEU A 260 -15.19 2.22 -1.98
C LEU A 260 -16.60 2.65 -1.60
N ILE A 261 -16.92 3.92 -1.83
CA ILE A 261 -18.22 4.50 -1.48
C ILE A 261 -18.64 5.40 -2.65
N ALA A 262 -19.76 5.08 -3.30
CA ALA A 262 -20.28 5.86 -4.42
C ALA A 262 -21.70 6.36 -4.12
N GLY A 263 -22.26 7.16 -5.03
CA GLY A 263 -23.62 7.64 -4.89
C GLY A 263 -23.77 8.74 -3.86
N PRO A 264 -25.02 9.08 -3.50
CA PRO A 264 -25.27 10.13 -2.50
C PRO A 264 -24.58 9.87 -1.14
N ALA A 265 -24.51 8.60 -0.72
CA ALA A 265 -23.86 8.18 0.53
C ALA A 265 -22.40 8.60 0.67
N ALA A 266 -21.72 8.78 -0.47
CA ALA A 266 -20.35 9.32 -0.48
C ALA A 266 -20.26 10.82 -0.16
N ASN A 267 -21.37 11.54 -0.19
CA ASN A 267 -21.37 13.00 0.02
C ASN A 267 -21.93 13.43 1.40
N SER A 268 -22.51 12.51 2.16
CA SER A 268 -23.07 12.81 3.49
C SER A 268 -22.25 12.20 4.64
N LEU A 269 -20.92 12.15 4.52
CA LEU A 269 -20.05 11.42 5.48
C LEU A 269 -19.53 12.29 6.63
N PRO A 270 -19.45 11.72 7.85
CA PRO A 270 -18.82 12.47 8.92
C PRO A 270 -17.31 12.57 8.70
N PRO A 271 -16.60 13.35 9.52
CA PRO A 271 -15.13 13.40 9.36
C PRO A 271 -14.47 12.03 9.58
N ILE A 272 -13.28 11.84 9.01
CA ILE A 272 -12.52 10.61 9.21
C ILE A 272 -11.80 10.77 10.55
N VAL A 273 -12.09 9.87 11.49
CA VAL A 273 -11.37 9.80 12.78
C VAL A 273 -10.62 8.46 12.86
N ASP A 274 -9.31 8.51 12.71
CA ASP A 274 -8.45 7.33 12.81
C ASP A 274 -8.17 7.06 14.28
N PRO A 275 -8.63 5.91 14.81
CA PRO A 275 -8.42 5.64 16.23
C PRO A 275 -6.99 5.28 16.65
N ASP A 276 -6.07 5.05 15.71
CA ASP A 276 -4.72 4.59 16.05
C ASP A 276 -3.72 5.74 16.20
N PRO A 277 -2.84 5.68 17.22
CA PRO A 277 -1.84 6.76 17.35
C PRO A 277 -0.74 6.76 16.28
N LEU A 278 -0.06 7.90 16.13
CA LEU A 278 1.19 7.93 15.37
C LEU A 278 2.22 6.99 16.02
N ILE A 279 3.10 6.43 15.20
CA ILE A 279 4.10 5.45 15.61
C ILE A 279 5.39 5.91 14.95
N PRO A 280 6.22 6.64 15.71
CA PRO A 280 7.50 7.00 15.15
C PRO A 280 8.36 5.74 15.12
N CYS A 281 9.10 5.57 14.05
CA CYS A 281 10.01 4.45 13.90
C CYS A 281 10.89 4.76 12.72
N ASP A 282 12.16 5.03 13.03
CA ASP A 282 13.16 5.46 12.06
C ASP A 282 13.35 4.40 10.99
N LEU A 283 13.43 3.15 11.44
CA LEU A 283 13.67 2.02 10.57
C LEU A 283 12.66 1.91 9.43
N MET A 284 11.39 2.22 9.69
CA MET A 284 10.32 2.03 8.71
C MET A 284 9.67 3.31 8.16
N ASP A 285 10.39 4.44 8.27
CA ASP A 285 9.94 5.70 7.66
C ASP A 285 10.46 5.73 6.23
N GLY A 286 9.62 5.32 5.30
CA GLY A 286 10.04 5.08 3.92
C GLY A 286 10.69 3.72 3.81
N ARG A 287 11.03 3.35 2.59
CA ARG A 287 11.65 2.05 2.30
C ARG A 287 13.16 1.96 2.56
N ASP A 288 13.89 3.06 2.34
CA ASP A 288 15.38 3.00 2.24
C ASP A 288 16.07 2.53 3.49
N ALA A 289 15.57 2.94 4.63
CA ALA A 289 16.20 2.65 5.92
C ALA A 289 16.28 1.14 6.22
N PHE A 290 15.22 0.40 5.90
CA PHE A 290 15.20 -1.05 6.18
C PHE A 290 16.07 -1.81 5.18
N LEU A 291 16.08 -1.38 3.91
CA LEU A 291 16.99 -1.93 2.93
C LEU A 291 18.48 -1.75 3.34
N THR A 292 18.77 -0.59 3.91
CA THR A 292 20.13 -0.22 4.32
C THR A 292 20.60 -1.04 5.53
N LEU A 293 19.74 -1.21 6.54
CA LEU A 293 20.07 -2.03 7.68
C LEU A 293 20.33 -3.50 7.31
N ALA A 294 19.53 -4.03 6.39
CA ALA A 294 19.77 -5.35 5.84
C ALA A 294 21.10 -5.43 5.12
N ARG A 295 21.35 -4.46 4.23
CA ARG A 295 22.63 -4.33 3.52
C ARG A 295 23.80 -4.30 4.55
N ASP A 296 23.69 -3.43 5.56
CA ASP A 296 24.76 -3.23 6.56
C ASP A 296 24.98 -4.39 7.54
N LYS A 297 23.92 -5.16 7.85
CA LYS A 297 24.05 -6.35 8.70
C LYS A 297 24.17 -7.66 7.91
N HIS A 298 24.35 -7.57 6.61
CA HIS A 298 24.50 -8.73 5.73
C HIS A 298 23.28 -9.66 5.83
N LEU A 299 22.09 -9.08 5.94
CA LEU A 299 20.83 -9.83 5.99
C LEU A 299 20.32 -10.03 4.57
N GLU A 300 19.64 -11.16 4.36
CA GLU A 300 19.00 -11.47 3.10
C GLU A 300 17.65 -12.12 3.41
N PHE A 301 16.76 -12.03 2.43
CA PHE A 301 15.47 -12.70 2.48
C PHE A 301 15.46 -13.71 1.33
N SER A 302 16.62 -14.32 1.04
CA SER A 302 16.82 -15.11 -0.19
C SER A 302 16.54 -16.61 -0.02
N SER A 303 16.32 -17.06 1.22
CA SER A 303 15.91 -18.44 1.47
C SER A 303 15.02 -18.41 2.68
N LEU A 304 14.27 -19.48 2.95
CA LEU A 304 13.40 -19.45 4.11
C LEU A 304 14.22 -19.17 5.38
N ARG A 305 15.29 -19.94 5.61
CA ARG A 305 16.06 -19.82 6.84
C ARG A 305 16.75 -18.47 6.98
N ARG A 306 17.26 -17.95 5.87
CA ARG A 306 17.88 -16.60 5.91
C ARG A 306 16.82 -15.53 6.19
N ALA A 307 15.64 -15.69 5.57
CA ALA A 307 14.55 -14.76 5.82
C ALA A 307 14.11 -14.81 7.26
N GLN A 308 14.13 -16.02 7.87
CA GLN A 308 13.76 -16.13 9.28
C GLN A 308 14.81 -15.46 10.20
N TRP A 309 16.07 -15.72 9.91
CA TRP A 309 17.16 -15.00 10.60
C TRP A 309 17.01 -13.48 10.47
N SER A 310 16.81 -13.01 9.25
CA SER A 310 16.61 -11.56 9.01
C SER A 310 15.36 -11.02 9.70
N THR A 311 14.28 -11.79 9.70
CA THR A 311 13.09 -11.42 10.46
C THR A 311 13.38 -11.22 11.95
N MET A 312 14.14 -12.15 12.52
CA MET A 312 14.49 -12.06 13.94
C MET A 312 15.33 -10.79 14.19
N CYS A 313 16.25 -10.48 13.28
CA CYS A 313 17.05 -9.24 13.44
C CYS A 313 16.19 -7.99 13.35
N MET A 314 15.33 -7.96 12.33
CA MET A 314 14.33 -6.91 12.13
C MET A 314 13.51 -6.70 13.40
N LEU A 315 13.08 -7.76 14.05
CA LEU A 315 12.22 -7.68 15.22
C LEU A 315 12.95 -7.13 16.45
N VAL A 316 14.19 -7.57 16.64
CA VAL A 316 14.98 -7.08 17.78
C VAL A 316 15.13 -5.57 17.66
N GLU A 317 15.48 -5.13 16.46
CA GLU A 317 15.59 -3.75 16.15
C GLU A 317 14.27 -3.00 16.41
N LEU A 318 13.16 -3.52 15.89
CA LEU A 318 11.87 -2.86 16.08
C LEU A 318 11.53 -2.72 17.56
N HIS A 319 11.78 -3.78 18.33
CA HIS A 319 11.47 -3.80 19.73
C HIS A 319 12.35 -2.83 20.59
N THR A 320 13.62 -2.65 20.22
CA THR A 320 14.58 -1.97 21.11
C THR A 320 15.08 -0.63 20.59
N GLN A 321 14.59 -0.16 19.44
CA GLN A 321 14.81 1.23 19.03
C GLN A 321 14.08 2.16 20.02
N SER A 322 14.66 3.35 20.24
CA SER A 322 14.09 4.37 21.14
C SER A 322 14.17 3.98 22.63
#